data_3HFO
#
_entry.id   3HFO
#
_cell.length_a   81.470
_cell.length_b   86.160
_cell.length_c   103.180
_cell.angle_alpha   90.000
_cell.angle_beta   90.000
_cell.angle_gamma   90.000
#
_symmetry.space_group_name_H-M   'F 2 2 2'
#
loop_
_entity.id
_entity.type
_entity.pdbx_description
1 polymer 'Ssr3341 protein'
2 water water
#
_entity_poly.entity_id   1
_entity_poly.type   'polypeptide(L)'
_entity_poly.pdbx_seq_one_letter_code
;MSRFDSGLPSVRQVQLLIKDQTPVEIKLLTGDSLFGTIRWQDTDGLGLVDDSERSTIVRLAAIAYITPRR
;
_entity_poly.pdbx_strand_id   A,B,C
#
# COMPACT_ATOMS: atom_id res chain seq x y z
N ASP A 5 -8.30 -20.11 -10.91
CA ASP A 5 -8.89 -19.04 -10.03
C ASP A 5 -7.98 -18.74 -8.82
N SER A 6 -7.50 -17.52 -8.65
CA SER A 6 -6.63 -17.26 -7.50
C SER A 6 -7.48 -16.86 -6.31
N GLY A 7 -7.30 -17.51 -5.15
CA GLY A 7 -7.98 -17.15 -3.92
C GLY A 7 -7.37 -15.95 -3.25
N LEU A 8 -6.28 -15.40 -3.79
CA LEU A 8 -5.55 -14.26 -3.13
C LEU A 8 -5.38 -13.16 -4.18
N PRO A 9 -6.49 -12.56 -4.62
CA PRO A 9 -6.39 -11.68 -5.80
C PRO A 9 -5.54 -10.41 -5.47
N SER A 10 -5.53 -9.86 -4.25
CA SER A 10 -4.67 -8.71 -3.97
CA SER A 10 -4.70 -8.69 -4.01
C SER A 10 -3.22 -9.02 -4.24
N VAL A 11 -2.80 -10.14 -3.69
CA VAL A 11 -1.43 -10.61 -3.86
C VAL A 11 -1.15 -10.94 -5.32
N ARG A 12 -2.07 -11.64 -5.97
CA ARG A 12 -1.86 -12.05 -7.38
CA ARG A 12 -1.87 -12.05 -7.37
C ARG A 12 -1.71 -10.82 -8.27
N GLN A 13 -2.58 -9.83 -8.08
CA GLN A 13 -2.56 -8.66 -8.93
C GLN A 13 -1.27 -7.87 -8.72
N VAL A 14 -0.81 -7.78 -7.48
CA VAL A 14 0.48 -7.10 -7.29
C VAL A 14 1.60 -7.91 -7.90
N GLN A 15 1.55 -9.24 -7.73
CA GLN A 15 2.56 -10.07 -8.37
C GLN A 15 2.65 -9.94 -9.90
N LEU A 16 1.52 -9.76 -10.56
CA LEU A 16 1.53 -9.50 -12.02
C LEU A 16 2.22 -8.18 -12.34
N LEU A 17 1.98 -7.17 -11.50
CA LEU A 17 2.63 -5.88 -11.72
C LEU A 17 4.15 -6.01 -11.52
N ILE A 18 4.57 -6.83 -10.57
CA ILE A 18 6.00 -7.06 -10.34
C ILE A 18 6.61 -7.82 -11.52
N LYS A 19 5.95 -8.91 -11.93
CA LYS A 19 6.47 -9.72 -13.03
C LYS A 19 6.61 -8.91 -14.33
N ASP A 20 5.57 -8.14 -14.64
CA ASP A 20 5.54 -7.38 -15.87
C ASP A 20 6.31 -6.07 -15.77
N GLN A 21 6.78 -5.73 -14.56
CA GLN A 21 7.48 -4.43 -14.32
C GLN A 21 6.60 -3.32 -14.83
N THR A 22 5.33 -3.36 -14.46
CA THR A 22 4.37 -2.39 -14.92
C THR A 22 4.52 -1.09 -14.10
N PRO A 23 4.71 0.04 -14.75
CA PRO A 23 4.73 1.28 -13.96
C PRO A 23 3.37 1.51 -13.29
N VAL A 24 3.41 2.03 -12.07
CA VAL A 24 2.19 2.25 -11.30
C VAL A 24 2.23 3.62 -10.60
N GLU A 25 1.04 4.02 -10.19
CA GLU A 25 0.85 5.06 -9.20
C GLU A 25 0.40 4.40 -7.92
N ILE A 26 1.02 4.78 -6.81
CA ILE A 26 0.57 4.33 -5.53
C ILE A 26 0.08 5.56 -4.77
N LYS A 27 -1.22 5.63 -4.52
CA LYS A 27 -1.81 6.72 -3.73
C LYS A 27 -1.70 6.32 -2.26
N LEU A 28 -1.07 7.18 -1.47
CA LEU A 28 -0.91 6.92 -0.06
C LEU A 28 -2.04 7.55 0.75
N LEU A 29 -2.20 7.08 2.00
CA LEU A 29 -3.22 7.64 2.87
C LEU A 29 -2.89 9.07 3.31
N THR A 30 -1.70 9.58 2.97
CA THR A 30 -1.39 11.01 3.15
C THR A 30 -2.11 11.87 2.11
N GLY A 31 -2.68 11.24 1.07
CA GLY A 31 -3.27 11.98 -0.03
C GLY A 31 -2.29 12.21 -1.16
N ASP A 32 -1.00 11.89 -0.97
CA ASP A 32 -0.01 12.12 -1.99
C ASP A 32 0.32 10.78 -2.69
N SER A 33 0.87 10.85 -3.89
CA SER A 33 1.16 9.63 -4.62
C SER A 33 2.63 9.47 -4.88
N LEU A 34 3.03 8.21 -5.07
CA LEU A 34 4.36 7.82 -5.53
C LEU A 34 4.19 7.15 -6.88
N PHE A 35 5.24 7.21 -7.69
CA PHE A 35 5.20 6.67 -9.06
C PHE A 35 6.43 5.82 -9.22
N GLY A 36 6.28 4.60 -9.77
CA GLY A 36 7.44 3.74 -9.93
C GLY A 36 7.01 2.35 -10.33
N THR A 37 7.91 1.40 -10.17
CA THR A 37 7.69 0.00 -10.49
CA THR A 37 7.61 0.01 -10.45
C THR A 37 7.82 -0.79 -9.18
N ILE A 38 6.89 -1.72 -8.95
CA ILE A 38 6.95 -2.49 -7.72
C ILE A 38 7.92 -3.66 -7.94
N ARG A 39 8.83 -3.89 -6.99
CA ARG A 39 9.85 -4.92 -7.16
C ARG A 39 9.61 -6.14 -6.26
N TRP A 40 8.91 -5.97 -5.14
CA TRP A 40 8.58 -7.05 -4.22
C TRP A 40 7.44 -6.62 -3.35
N GLN A 41 6.79 -7.59 -2.70
CA GLN A 41 5.78 -7.33 -1.72
C GLN A 41 5.91 -8.36 -0.62
N ASP A 42 5.49 -8.00 0.58
CA ASP A 42 5.24 -8.99 1.63
C ASP A 42 4.01 -8.57 2.42
N THR A 43 3.79 -9.11 3.61
CA THR A 43 2.54 -8.76 4.26
CA THR A 43 2.58 -8.81 4.35
C THR A 43 2.53 -7.37 4.88
N ASP A 44 3.69 -6.78 5.04
CA ASP A 44 3.77 -5.44 5.60
C ASP A 44 4.15 -4.30 4.68
N GLY A 45 4.78 -4.60 3.56
CA GLY A 45 5.28 -3.55 2.70
C GLY A 45 5.47 -4.00 1.28
N LEU A 46 5.81 -3.02 0.45
CA LEU A 46 6.29 -3.33 -0.87
C LEU A 46 7.48 -2.45 -1.18
N GLY A 47 8.28 -2.91 -2.14
CA GLY A 47 9.41 -2.14 -2.63
C GLY A 47 9.05 -1.43 -3.91
N LEU A 48 9.16 -0.10 -3.92
CA LEU A 48 8.86 0.68 -5.10
C LEU A 48 10.13 1.31 -5.59
N VAL A 49 10.43 1.14 -6.86
CA VAL A 49 11.62 1.79 -7.39
C VAL A 49 11.17 2.87 -8.37
N ASP A 50 11.57 4.10 -8.15
CA ASP A 50 11.16 5.09 -9.16
C ASP A 50 12.14 5.15 -10.31
N ASP A 51 11.87 6.10 -11.20
CA ASP A 51 12.72 6.46 -12.33
C ASP A 51 14.17 6.84 -12.01
N SER A 52 14.42 7.32 -10.78
CA SER A 52 15.79 7.71 -10.41
C SER A 52 16.47 6.52 -9.76
N GLU A 53 15.79 5.38 -9.84
CA GLU A 53 16.32 4.16 -9.22
C GLU A 53 16.42 4.38 -7.73
N ARG A 54 15.53 5.24 -7.22
CA ARG A 54 15.37 5.41 -5.76
C ARG A 54 14.46 4.25 -5.31
N SER A 55 14.95 3.46 -4.36
CA SER A 55 14.22 2.37 -3.74
C SER A 55 13.48 2.90 -2.51
N THR A 56 12.18 2.64 -2.44
CA THR A 56 11.37 3.09 -1.32
C THR A 56 10.62 1.91 -0.76
N ILE A 57 10.66 1.76 0.58
CA ILE A 57 9.87 0.76 1.25
C ILE A 57 8.55 1.43 1.63
N VAL A 58 7.45 0.97 1.03
CA VAL A 58 6.14 1.54 1.31
C VAL A 58 5.37 0.60 2.22
N ARG A 59 4.88 1.10 3.35
CA ARG A 59 4.07 0.26 4.22
C ARG A 59 2.70 -0.01 3.59
N LEU A 60 2.27 -1.29 3.52
CA LEU A 60 0.99 -1.55 2.85
C LEU A 60 -0.17 -0.89 3.59
N ALA A 61 -0.10 -0.78 4.93
CA ALA A 61 -1.18 -0.19 5.70
C ALA A 61 -1.35 1.28 5.32
N ALA A 62 -0.30 1.89 4.75
CA ALA A 62 -0.32 3.29 4.34
C ALA A 62 -0.81 3.52 2.93
N ILE A 63 -1.12 2.45 2.19
CA ILE A 63 -1.51 2.58 0.79
C ILE A 63 -3.03 2.69 0.74
N ALA A 64 -3.50 3.67 -0.05
CA ALA A 64 -4.91 3.72 -0.40
C ALA A 64 -5.18 2.83 -1.61
N TYR A 65 -4.45 3.05 -2.71
CA TYR A 65 -4.66 2.18 -3.89
C TYR A 65 -3.43 2.17 -4.77
N ILE A 66 -3.43 1.18 -5.65
CA ILE A 66 -2.34 1.01 -6.62
C ILE A 66 -3.01 0.91 -8.00
N THR A 67 -2.55 1.70 -8.96
CA THR A 67 -3.13 1.56 -10.29
C THR A 67 -2.02 1.62 -11.35
N PRO A 68 -2.10 0.75 -12.35
CA PRO A 68 -1.11 0.81 -13.43
C PRO A 68 -1.27 2.12 -14.10
N ARG A 69 -0.17 2.73 -14.49
CA ARG A 69 -0.36 3.97 -15.19
C ARG A 69 -0.80 3.76 -16.64
N ASP B 5 -30.02 -14.21 4.92
CA ASP B 5 -29.61 -14.95 6.11
C ASP B 5 -28.09 -15.17 6.17
N SER B 6 -27.31 -14.09 6.10
CA SER B 6 -25.84 -14.23 6.09
C SER B 6 -25.21 -13.77 7.43
N GLY B 7 -24.33 -14.59 7.99
CA GLY B 7 -23.49 -14.17 9.11
C GLY B 7 -22.32 -13.20 8.85
N LEU B 8 -22.06 -12.94 7.58
CA LEU B 8 -20.95 -12.08 7.04
C LEU B 8 -21.56 -11.05 6.08
N PRO B 9 -22.44 -10.18 6.59
CA PRO B 9 -23.15 -9.26 5.69
C PRO B 9 -22.23 -8.32 4.91
N SER B 10 -21.09 -7.89 5.47
N SER B 10 -21.09 -7.91 5.46
CA SER B 10 -20.24 -6.95 4.71
CA SER B 10 -20.24 -6.97 4.73
C SER B 10 -19.74 -7.66 3.45
C SER B 10 -19.57 -7.59 3.51
N VAL B 11 -19.23 -8.87 3.61
CA VAL B 11 -18.72 -9.64 2.48
C VAL B 11 -19.84 -9.96 1.53
N ARG B 12 -20.98 -10.40 2.05
CA ARG B 12 -22.12 -10.74 1.19
C ARG B 12 -22.61 -9.52 0.39
N GLN B 13 -22.70 -8.37 1.02
CA GLN B 13 -23.14 -7.20 0.31
CA GLN B 13 -23.13 -7.16 0.30
C GLN B 13 -22.15 -6.79 -0.80
N VAL B 14 -20.84 -6.93 -0.52
CA VAL B 14 -19.87 -6.62 -1.56
C VAL B 14 -19.98 -7.68 -2.66
N GLN B 15 -20.19 -8.96 -2.31
CA GLN B 15 -20.44 -10.02 -3.31
CA GLN B 15 -20.30 -9.93 -3.38
C GLN B 15 -21.54 -9.64 -4.23
N LEU B 16 -22.62 -9.09 -3.65
CA LEU B 16 -23.76 -8.69 -4.47
C LEU B 16 -23.39 -7.52 -5.42
N LEU B 17 -22.68 -6.54 -4.91
CA LEU B 17 -22.21 -5.42 -5.74
C LEU B 17 -21.36 -5.95 -6.91
N ILE B 18 -20.54 -6.98 -6.67
CA ILE B 18 -19.72 -7.57 -7.73
C ILE B 18 -20.62 -8.24 -8.77
N LYS B 19 -21.53 -9.10 -8.31
CA LYS B 19 -22.36 -9.87 -9.20
C LYS B 19 -23.25 -8.95 -10.05
N ASP B 20 -23.81 -7.94 -9.43
CA ASP B 20 -24.71 -7.01 -10.05
C ASP B 20 -24.01 -5.93 -10.88
N GLN B 21 -22.71 -5.80 -10.71
CA GLN B 21 -21.89 -4.77 -11.36
C GLN B 21 -22.42 -3.39 -11.02
N THR B 22 -22.81 -3.23 -9.75
CA THR B 22 -23.40 -1.97 -9.32
C THR B 22 -22.31 -0.87 -9.31
N PRO B 23 -22.60 0.25 -9.98
CA PRO B 23 -21.65 1.35 -9.90
C PRO B 23 -21.59 1.85 -8.44
N VAL B 24 -20.39 2.08 -7.92
CA VAL B 24 -20.24 2.54 -6.54
C VAL B 24 -19.35 3.74 -6.46
N GLU B 25 -19.49 4.48 -5.36
CA GLU B 25 -18.49 5.43 -4.90
C GLU B 25 -17.78 4.75 -3.72
N ILE B 26 -16.44 4.74 -3.76
CA ILE B 26 -15.64 4.29 -2.64
C ILE B 26 -14.97 5.53 -2.03
N LYS B 27 -15.45 5.93 -0.86
CA LYS B 27 -14.85 7.05 -0.14
C LYS B 27 -13.65 6.50 0.63
N LEU B 28 -12.46 7.05 0.36
CA LEU B 28 -11.25 6.64 1.01
C LEU B 28 -10.99 7.50 2.25
N LEU B 29 -10.09 7.03 3.11
CA LEU B 29 -9.76 7.73 4.34
C LEU B 29 -8.91 8.97 4.09
N THR B 30 -8.46 9.18 2.84
CA THR B 30 -7.86 10.44 2.39
C THR B 30 -8.92 11.55 2.25
N GLY B 31 -10.21 11.17 2.23
CA GLY B 31 -11.28 12.13 2.00
C GLY B 31 -11.70 12.17 0.57
N ASP B 32 -10.88 11.57 -0.30
CA ASP B 32 -11.18 11.52 -1.73
C ASP B 32 -11.92 10.24 -2.08
N SER B 33 -12.60 10.25 -3.22
CA SER B 33 -13.38 9.08 -3.66
C SER B 33 -12.92 8.52 -4.99
N LEU B 34 -13.16 7.23 -5.15
CA LEU B 34 -13.07 6.53 -6.43
C LEU B 34 -14.44 6.12 -6.87
N PHE B 35 -14.62 5.88 -8.17
CA PHE B 35 -15.95 5.57 -8.68
C PHE B 35 -15.73 4.49 -9.75
N GLY B 36 -16.53 3.42 -9.66
CA GLY B 36 -16.40 2.37 -10.63
C GLY B 36 -17.19 1.16 -10.21
N THR B 37 -16.84 0.00 -10.70
CA THR B 37 -17.47 -1.26 -10.29
C THR B 37 -16.42 -2.11 -9.60
N ILE B 38 -16.86 -2.93 -8.67
CA ILE B 38 -15.99 -3.82 -7.92
C ILE B 38 -15.98 -5.18 -8.61
N ARG B 39 -14.78 -5.65 -8.96
CA ARG B 39 -14.48 -6.88 -9.70
CA ARG B 39 -14.68 -6.91 -9.68
C ARG B 39 -14.24 -8.08 -8.80
N TRP B 40 -13.62 -7.81 -7.66
CA TRP B 40 -13.19 -8.89 -6.78
C TRP B 40 -12.95 -8.28 -5.40
N GLN B 41 -12.96 -9.13 -4.37
CA GLN B 41 -12.62 -8.69 -3.05
C GLN B 41 -11.86 -9.78 -2.36
N ASP B 42 -10.99 -9.40 -1.42
CA ASP B 42 -10.40 -10.40 -0.52
C ASP B 42 -10.22 -9.78 0.86
N THR B 43 -9.41 -10.37 1.72
CA THR B 43 -9.37 -9.83 3.07
CA THR B 43 -9.18 -9.94 3.09
C THR B 43 -8.55 -8.55 3.15
N ASP B 44 -7.75 -8.26 2.12
CA ASP B 44 -6.89 -7.09 2.12
C ASP B 44 -7.32 -5.97 1.20
N GLY B 45 -8.08 -6.29 0.15
CA GLY B 45 -8.39 -5.29 -0.83
C GLY B 45 -9.57 -5.64 -1.70
N LEU B 46 -9.85 -4.72 -2.62
CA LEU B 46 -10.78 -4.99 -3.67
C LEU B 46 -10.23 -4.49 -5.00
N GLY B 47 -10.76 -5.04 -6.09
CA GLY B 47 -10.40 -4.59 -7.41
C GLY B 47 -11.53 -3.75 -7.95
N LEU B 48 -11.18 -2.53 -8.35
CA LEU B 48 -12.16 -1.59 -8.91
C LEU B 48 -11.83 -1.38 -10.37
N VAL B 49 -12.85 -1.23 -11.20
CA VAL B 49 -12.69 -0.78 -12.60
C VAL B 49 -13.35 0.54 -12.78
N ASP B 50 -12.78 1.41 -13.58
CA ASP B 50 -13.42 2.69 -13.70
CA ASP B 50 -13.43 2.72 -13.72
C ASP B 50 -14.03 2.91 -15.10
N ASP B 51 -14.59 4.09 -15.35
CA ASP B 51 -15.30 4.31 -16.61
C ASP B 51 -14.39 4.24 -17.83
N SER B 52 -13.07 4.28 -17.62
CA SER B 52 -12.16 4.15 -18.76
CA SER B 52 -12.09 4.18 -18.69
C SER B 52 -11.55 2.77 -18.83
N GLU B 53 -12.04 1.85 -17.96
CA GLU B 53 -11.60 0.45 -17.97
C GLU B 53 -10.18 0.41 -17.36
N ARG B 54 -9.83 1.42 -16.56
CA ARG B 54 -8.62 1.41 -15.75
CA ARG B 54 -8.62 1.40 -15.76
C ARG B 54 -8.85 0.61 -14.43
N SER B 55 -7.99 -0.32 -14.15
CA SER B 55 -7.99 -1.20 -12.97
CA SER B 55 -8.05 -1.18 -12.98
C SER B 55 -7.28 -0.56 -11.83
N THR B 56 -7.84 -0.74 -10.65
CA THR B 56 -7.22 -0.23 -9.45
C THR B 56 -7.34 -1.27 -8.35
N ILE B 57 -6.25 -1.46 -7.62
CA ILE B 57 -6.25 -2.33 -6.43
C ILE B 57 -6.44 -1.39 -5.24
N VAL B 58 -7.55 -1.54 -4.50
CA VAL B 58 -7.84 -0.64 -3.40
C VAL B 58 -7.59 -1.41 -2.10
N ARG B 59 -6.87 -0.82 -1.14
CA ARG B 59 -6.69 -1.51 0.15
C ARG B 59 -7.92 -1.34 1.01
N LEU B 60 -8.44 -2.43 1.59
CA LEU B 60 -9.69 -2.25 2.36
C LEU B 60 -9.48 -1.35 3.57
N ALA B 61 -8.29 -1.41 4.18
CA ALA B 61 -8.02 -0.60 5.39
C ALA B 61 -8.02 0.90 5.04
N ALA B 62 -7.97 1.23 3.75
CA ALA B 62 -8.05 2.64 3.34
C ALA B 62 -9.44 3.12 3.02
N ILE B 63 -10.41 2.22 3.07
CA ILE B 63 -11.78 2.57 2.71
C ILE B 63 -12.58 3.07 3.92
N ALA B 64 -13.25 4.20 3.74
CA ALA B 64 -14.24 4.67 4.70
C ALA B 64 -15.59 4.01 4.47
N TYR B 65 -16.11 4.08 3.24
CA TYR B 65 -17.40 3.48 2.94
C TYR B 65 -17.53 3.20 1.44
N ILE B 66 -18.48 2.35 1.13
CA ILE B 66 -18.83 1.98 -0.23
C ILE B 66 -20.33 2.25 -0.38
N THR B 67 -20.73 3.07 -1.34
CA THR B 67 -22.15 3.41 -1.49
C THR B 67 -22.49 3.37 -2.99
N PRO B 68 -23.69 2.97 -3.36
CA PRO B 68 -24.05 2.99 -4.79
C PRO B 68 -23.91 4.41 -5.36
N ARG B 69 -23.33 4.48 -6.55
CA ARG B 69 -22.99 5.66 -7.43
C ARG B 69 -24.14 6.25 -8.12
N ARG B 70 -25.17 5.44 -8.25
CA ARG B 70 -26.42 5.80 -8.92
C ARG B 70 -27.62 5.31 -8.12
N ASP C 5 12.76 -17.80 -3.45
CA ASP C 5 11.98 -17.64 -2.23
C ASP C 5 12.78 -16.78 -1.30
N SER C 6 12.26 -15.59 -1.02
CA SER C 6 13.02 -14.68 -0.16
C SER C 6 12.10 -13.86 0.76
N GLY C 7 11.72 -14.43 1.91
CA GLY C 7 10.65 -13.90 2.73
C GLY C 7 11.19 -12.74 3.55
N LEU C 8 10.26 -12.06 4.17
CA LEU C 8 10.51 -10.89 5.01
C LEU C 8 11.36 -9.79 4.35
N PRO C 9 11.09 -9.45 3.08
CA PRO C 9 11.89 -8.37 2.49
C PRO C 9 11.71 -7.01 3.19
N SER C 10 10.53 -6.66 3.73
CA SER C 10 10.42 -5.37 4.43
CA SER C 10 10.42 -5.38 4.42
C SER C 10 11.41 -5.30 5.59
N VAL C 11 11.42 -6.34 6.44
CA VAL C 11 12.34 -6.42 7.56
C VAL C 11 13.76 -6.39 7.06
N ARG C 12 14.08 -7.19 6.06
CA ARG C 12 15.44 -7.32 5.63
C ARG C 12 15.93 -6.01 4.98
N GLN C 13 15.06 -5.31 4.27
CA GLN C 13 15.50 -4.07 3.64
CA GLN C 13 15.50 -4.04 3.64
C GLN C 13 15.77 -3.00 4.72
N VAL C 14 14.95 -2.98 5.79
CA VAL C 14 15.27 -2.07 6.87
C VAL C 14 16.54 -2.50 7.58
N GLN C 15 16.75 -3.80 7.77
CA GLN C 15 17.98 -4.21 8.41
CA GLN C 15 18.01 -4.31 8.34
C GLN C 15 19.21 -3.78 7.59
N LEU C 16 19.10 -3.75 6.25
CA LEU C 16 20.21 -3.25 5.43
C LEU C 16 20.46 -1.76 5.67
N LEU C 17 19.38 -1.00 5.82
CA LEU C 17 19.50 0.44 6.11
C LEU C 17 20.19 0.65 7.46
N ILE C 18 19.87 -0.22 8.43
CA ILE C 18 20.53 -0.15 9.75
C ILE C 18 22.04 -0.48 9.62
N LYS C 19 22.34 -1.57 8.95
CA LYS C 19 23.69 -2.05 8.83
C LYS C 19 24.57 -0.99 8.19
N ASP C 20 24.08 -0.37 7.15
CA ASP C 20 24.84 0.59 6.36
C ASP C 20 24.76 2.01 6.95
N GLN C 21 23.95 2.20 7.98
CA GLN C 21 23.75 3.52 8.59
C GLN C 21 23.31 4.51 7.53
N THR C 22 22.35 4.10 6.71
CA THR C 22 21.95 4.91 5.59
C THR C 22 21.05 6.04 6.04
N PRO C 23 21.41 7.30 5.75
CA PRO C 23 20.48 8.38 6.07
C PRO C 23 19.17 8.21 5.29
N VAL C 24 18.05 8.31 5.99
CA VAL C 24 16.75 8.10 5.36
C VAL C 24 15.82 9.27 5.63
N GLU C 25 14.79 9.34 4.80
CA GLU C 25 13.60 10.10 5.09
C GLU C 25 12.52 9.07 5.44
N ILE C 26 11.79 9.37 6.51
CA ILE C 26 10.61 8.56 6.88
C ILE C 26 9.41 9.45 6.74
N LYS C 27 8.57 9.19 5.73
CA LYS C 27 7.33 9.94 5.58
C LYS C 27 6.28 9.31 6.49
N LEU C 28 5.66 10.14 7.32
CA LEU C 28 4.63 9.66 8.24
C LEU C 28 3.24 9.88 7.64
N LEU C 29 2.25 9.21 8.22
CA LEU C 29 0.88 9.33 7.74
C LEU C 29 0.28 10.69 8.01
N THR C 30 0.94 11.51 8.83
CA THR C 30 0.53 12.89 9.02
C THR C 30 0.88 13.78 7.83
N GLY C 31 1.73 13.27 6.95
CA GLY C 31 2.22 14.03 5.81
C GLY C 31 3.56 14.68 6.06
N ASP C 32 4.03 14.63 7.31
CA ASP C 32 5.32 15.20 7.67
C ASP C 32 6.39 14.13 7.61
N SER C 33 7.63 14.54 7.40
CA SER C 33 8.75 13.61 7.37
C SER C 33 9.70 13.78 8.52
N LEU C 34 10.35 12.67 8.87
CA LEU C 34 11.48 12.70 9.79
C LEU C 34 12.73 12.30 9.02
N PHE C 35 13.89 12.73 9.51
CA PHE C 35 15.15 12.44 8.85
C PHE C 35 16.15 11.93 9.88
N GLY C 36 16.88 10.86 9.56
CA GLY C 36 17.93 10.38 10.46
C GLY C 36 18.43 9.06 9.94
N THR C 37 19.00 8.27 10.83
CA THR C 37 19.52 6.94 10.53
CA THR C 37 19.43 6.92 10.48
C THR C 37 18.79 5.97 11.44
N ILE C 38 18.40 4.85 10.89
CA ILE C 38 17.68 3.86 11.68
C ILE C 38 18.66 3.03 12.46
N ARG C 39 18.40 2.85 13.76
CA ARG C 39 19.29 2.07 14.58
C ARG C 39 18.76 0.70 14.96
N TRP C 40 17.44 0.57 14.99
CA TRP C 40 16.81 -0.69 15.33
C TRP C 40 15.41 -0.73 14.80
N GLN C 41 14.86 -1.93 14.72
CA GLN C 41 13.45 -2.05 14.40
C GLN C 41 12.90 -3.22 15.21
N ASP C 42 11.59 -3.19 15.43
CA ASP C 42 10.90 -4.38 15.94
C ASP C 42 9.51 -4.46 15.29
N THR C 43 8.59 -5.23 15.84
CA THR C 43 7.29 -5.41 15.24
C THR C 43 6.43 -4.16 15.25
N ASP C 44 6.70 -3.26 16.22
CA ASP C 44 5.87 -2.11 16.42
C ASP C 44 6.51 -0.75 16.15
N GLY C 45 7.84 -0.67 16.12
CA GLY C 45 8.51 0.59 15.99
C GLY C 45 9.90 0.47 15.41
N LEU C 46 10.48 1.61 15.17
CA LEU C 46 11.90 1.67 14.89
C LEU C 46 12.51 2.86 15.61
N GLY C 47 13.83 2.82 15.76
CA GLY C 47 14.55 3.87 16.44
C GLY C 47 15.30 4.66 15.40
N LEU C 48 15.04 5.95 15.33
CA LEU C 48 15.66 6.85 14.38
C LEU C 48 16.51 7.84 15.13
N VAL C 49 17.77 7.93 14.74
CA VAL C 49 18.69 8.86 15.37
CA VAL C 49 18.69 8.88 15.37
C VAL C 49 19.09 9.99 14.43
N ASP C 50 19.21 11.18 14.97
CA ASP C 50 19.66 12.30 14.14
C ASP C 50 21.17 12.40 14.15
N ASP C 51 21.64 13.49 13.54
CA ASP C 51 23.04 13.81 13.33
C ASP C 51 23.85 13.82 14.66
N SER C 52 23.17 14.06 15.79
CA SER C 52 23.83 14.05 17.09
C SER C 52 23.17 13.18 18.19
N GLU C 53 22.84 11.94 17.82
CA GLU C 53 22.46 10.88 18.78
C GLU C 53 21.13 10.99 19.56
N ARG C 54 20.24 11.89 19.16
CA ARG C 54 18.95 11.92 19.82
C ARG C 54 18.09 10.87 19.15
N SER C 55 17.52 9.97 19.95
CA SER C 55 16.71 8.86 19.43
C SER C 55 15.20 9.00 19.48
N THR C 56 14.55 8.88 18.35
CA THR C 56 13.10 9.01 18.27
C THR C 56 12.53 7.63 18.02
N ILE C 57 11.49 7.24 18.75
CA ILE C 57 10.79 5.99 18.53
C ILE C 57 9.66 6.29 17.59
N VAL C 58 9.70 5.70 16.40
CA VAL C 58 8.70 5.89 15.37
C VAL C 58 7.80 4.67 15.32
N ARG C 59 6.49 4.84 15.46
CA ARG C 59 5.61 3.66 15.38
CA ARG C 59 5.63 3.67 15.38
C ARG C 59 5.49 3.25 13.93
N LEU C 60 5.65 1.95 13.64
CA LEU C 60 5.56 1.52 12.24
C LEU C 60 4.22 1.77 11.64
N ALA C 61 3.15 1.64 12.42
CA ALA C 61 1.82 1.84 11.88
C ALA C 61 1.65 3.28 11.41
N ALA C 62 2.50 4.20 11.89
CA ALA C 62 2.39 5.61 11.51
C ALA C 62 3.23 5.96 10.30
N ILE C 63 3.98 5.00 9.77
CA ILE C 63 4.87 5.25 8.65
C ILE C 63 4.16 5.02 7.32
N ALA C 64 4.33 5.97 6.41
CA ALA C 64 3.90 5.77 5.01
C ALA C 64 5.02 5.10 4.23
N TYR C 65 6.22 5.67 4.27
CA TYR C 65 7.34 5.03 3.59
C TYR C 65 8.67 5.45 4.18
N ILE C 66 9.68 4.62 3.84
CA ILE C 66 11.08 4.86 4.23
C ILE C 66 11.88 4.88 2.93
N THR C 67 12.70 5.91 2.75
CA THR C 67 13.51 6.00 1.55
C THR C 67 14.85 6.66 1.89
N PRO C 68 15.95 6.25 1.25
CA PRO C 68 17.22 6.93 1.54
C PRO C 68 17.10 8.39 1.13
N ARG C 69 17.77 9.25 1.87
CA ARG C 69 17.88 10.63 1.44
C ARG C 69 18.97 10.71 0.34
N ARG C 70 18.73 11.42 -0.77
CA ARG C 70 19.61 11.46 -1.94
C ARG C 70 19.91 12.91 -2.33
#